data_7A0F
#
_entry.id   7A0F
#
_cell.length_a   58.069
_cell.length_b   101.498
_cell.length_c   142.075
_cell.angle_alpha   90.000
_cell.angle_beta   90.000
_cell.angle_gamma   90.000
#
_symmetry.space_group_name_H-M   'C 2 2 21'
#
loop_
_entity.id
_entity.type
_entity.pdbx_description
1 polymer Prothrombin
2 polymer 'Hirudin variant-1'
3 polymer Prothrombin
4 non-polymer 2-acetamido-2-deoxy-beta-D-glucopyranose
5 non-polymer 'SODIUM ION'
6 water water
#
loop_
_entity_poly.entity_id
_entity_poly.type
_entity_poly.pdbx_seq_one_letter_code
_entity_poly.pdbx_strand_id
1 'polypeptide(L)'
;IVEGQDAEVGLSPWQVMLFRKSPQELLCGASLISDRWVLTAAHCLLYPPWDKNFTVDDLLVRIGKHSRTRYERKVEKISM
LDKIYIHPRYNWKENLDRDIALLKLKRPIELSDYIHPVCLPDKQTAAKLLHAGFKGRVTGWGNRRETWTTSVAEVQPSVL
QVVNLPLVERPVCKASTRIRITDNMFCAGYKPGEGKRGDACEGDSGGPFVMKSPYNNRWYQMGIVSWGEGCDRDGKYGFY
THVFRLKKWIQKVIDRLGS
;
HHH
2 'polypeptide(L)' VVYTDCTESGQNLCLCEGSNVUGQGNKCILGSDGEKNQUVTGEGTPKPQSHNDGDFEEIPEEYLQ III
3 'polypeptide(L)' TSEDHFQPFFNEKTFGAGEADCGLRPLFEKKQVQDQTEKELFESYIEGR LLL
#
loop_
_chem_comp.id
_chem_comp.type
_chem_comp.name
_chem_comp.formula
NA non-polymer 'SODIUM ION' 'Na 1'
NAG D-saccharide, beta linking 2-acetamido-2-deoxy-beta-D-glucopyranose 'C8 H15 N O6'
#
# COMPACT_ATOMS: atom_id res chain seq x y z
N ILE A 1 -9.47 0.49 1.49
CA ILE A 1 -9.82 -0.93 1.19
C ILE A 1 -11.29 -0.99 0.80
N VAL A 2 -11.55 -1.44 -0.44
CA VAL A 2 -12.88 -1.61 -0.98
C VAL A 2 -13.31 -3.04 -0.70
N GLU A 3 -14.44 -3.19 0.00
CA GLU A 3 -15.10 -4.46 0.19
C GLU A 3 -14.34 -5.27 1.23
N GLY A 4 -13.77 -4.58 2.23
CA GLY A 4 -13.04 -5.25 3.29
C GLY A 4 -13.83 -5.24 4.59
N GLN A 5 -13.18 -5.57 5.70
CA GLN A 5 -13.83 -5.59 6.99
C GLN A 5 -12.92 -4.91 8.00
N ASP A 6 -13.53 -4.42 9.08
CA ASP A 6 -12.80 -3.91 10.23
C ASP A 6 -11.79 -4.97 10.64
N ALA A 7 -10.52 -4.61 10.76
CA ALA A 7 -9.51 -5.57 11.22
C ALA A 7 -9.63 -5.75 12.72
N GLU A 8 -9.47 -6.98 13.20
CA GLU A 8 -9.37 -7.17 14.64
C GLU A 8 -8.16 -6.39 15.15
N VAL A 9 -8.28 -5.92 16.38
CA VAL A 9 -7.15 -5.39 17.12
C VAL A 9 -5.99 -6.38 17.05
N GLY A 10 -4.79 -5.85 16.73
CA GLY A 10 -3.57 -6.63 16.69
C GLY A 10 -3.43 -7.53 15.46
N LEU A 11 -4.33 -7.37 14.46
CA LEU A 11 -4.32 -8.23 13.28
C LEU A 11 -3.09 -8.02 12.40
N SER A 12 -2.62 -6.76 12.34
CA SER A 12 -1.59 -6.37 11.42
C SER A 12 -0.62 -5.45 12.18
N PRO A 13 0.10 -5.97 13.19
CA PRO A 13 0.92 -5.15 14.08
C PRO A 13 2.11 -4.43 13.43
N TRP A 14 2.41 -4.82 12.17
CA TRP A 14 3.43 -4.23 11.31
C TRP A 14 2.85 -3.07 10.51
N GLN A 15 1.56 -2.76 10.70
CA GLN A 15 0.92 -1.73 9.92
C GLN A 15 1.41 -0.35 10.38
N VAL A 16 1.75 0.50 9.41
CA VAL A 16 2.27 1.81 9.73
C VAL A 16 1.46 2.81 8.92
N MET A 17 1.15 3.96 9.52
CA MET A 17 0.51 5.02 8.77
C MET A 17 1.54 6.11 8.55
N LEU A 18 1.73 6.48 7.30
CA LEU A 18 2.57 7.63 7.04
C LEU A 18 1.69 8.88 7.10
N PHE A 19 2.18 9.90 7.79
CA PHE A 19 1.39 11.07 8.15
C PHE A 19 2.13 12.37 7.82
N ARG A 20 1.42 13.32 7.18
CA ARG A 20 1.98 14.63 6.91
C ARG A 20 1.85 15.44 8.20
N LYS A 21 2.86 16.26 8.54
CA LYS A 21 2.83 17.03 9.77
C LYS A 21 1.80 18.16 9.66
N SER A 22 1.99 19.01 8.65
CA SER A 22 1.18 20.20 8.42
C SER A 22 0.63 20.07 7.01
N PRO A 23 -0.64 20.45 6.80
CA PRO A 23 -1.77 19.80 7.45
C PRO A 23 -1.53 18.36 7.88
N GLN A 24 -2.09 18.04 9.05
CA GLN A 24 -2.17 16.67 9.50
C GLN A 24 -3.12 15.90 8.58
N GLU A 25 -2.60 14.86 7.92
CA GLU A 25 -3.41 13.97 7.11
C GLU A 25 -2.65 12.67 6.86
N LEU A 26 -3.42 11.60 6.62
CA LEU A 26 -2.87 10.32 6.20
C LEU A 26 -2.34 10.45 4.77
N LEU A 27 -1.12 9.98 4.56
CA LEU A 27 -0.52 10.03 3.25
C LEU A 27 -0.56 8.67 2.56
N CYS A 28 -0.22 7.60 3.28
CA CYS A 28 0.00 6.30 2.68
C CYS A 28 0.04 5.25 3.78
N GLY A 29 -0.06 3.98 3.38
CA GLY A 29 0.30 2.90 4.28
C GLY A 29 1.80 2.66 4.25
N ALA A 30 2.28 1.82 5.16
CA ALA A 30 3.68 1.42 5.21
C ALA A 30 3.74 0.21 6.13
N SER A 31 4.90 -0.46 6.18
CA SER A 31 5.00 -1.61 7.05
C SER A 31 6.30 -1.54 7.85
N LEU A 32 6.26 -2.19 9.01
CA LEU A 32 7.40 -2.30 9.91
C LEU A 32 8.11 -3.62 9.66
N ILE A 33 9.42 -3.54 9.37
CA ILE A 33 10.19 -4.73 9.08
C ILE A 33 11.28 -4.96 10.12
N SER A 34 11.48 -4.02 11.05
CA SER A 34 12.34 -4.21 12.21
C SER A 34 12.04 -3.14 13.25
N ASP A 35 12.82 -3.06 14.33
CA ASP A 35 12.56 -2.05 15.34
C ASP A 35 12.85 -0.67 14.78
N ARG A 36 13.38 -0.57 13.55
CA ARG A 36 14.08 0.64 13.14
C ARG A 36 13.79 1.02 11.69
N TRP A 37 13.27 0.07 10.90
CA TRP A 37 13.11 0.23 9.47
C TRP A 37 11.65 0.02 9.05
N VAL A 38 11.17 0.93 8.18
CA VAL A 38 9.82 0.94 7.64
C VAL A 38 9.88 0.89 6.11
N LEU A 39 9.05 0.02 5.53
CA LEU A 39 8.97 -0.18 4.09
C LEU A 39 7.69 0.46 3.57
N THR A 40 7.79 1.11 2.41
CA THR A 40 6.64 1.75 1.79
C THR A 40 6.90 1.83 0.31
N ALA A 41 5.99 2.48 -0.43
CA ALA A 41 6.20 2.67 -1.85
C ALA A 41 6.94 3.98 -2.09
N ALA A 42 7.81 3.99 -3.11
CA ALA A 42 8.52 5.18 -3.54
C ALA A 42 7.53 6.33 -3.76
N HIS A 43 6.42 6.02 -4.43
CA HIS A 43 5.55 7.09 -4.90
C HIS A 43 4.88 7.79 -3.71
N CYS A 44 4.94 7.21 -2.53
CA CYS A 44 4.44 7.87 -1.34
C CYS A 44 5.33 9.03 -0.92
N LEU A 45 6.59 9.00 -1.38
CA LEU A 45 7.58 9.97 -0.96
C LEU A 45 7.93 10.92 -2.09
N LEU A 46 8.03 10.38 -3.31
CA LEU A 46 8.49 11.15 -4.45
C LEU A 46 7.54 10.89 -5.62
N TYR A 47 6.90 11.96 -6.07
CA TYR A 47 5.95 11.82 -7.16
C TYR A 47 5.81 13.16 -7.85
N PRO A 48 6.74 13.49 -8.78
CA PRO A 48 6.74 14.80 -9.44
C PRO A 48 5.38 15.29 -9.96
N PRO A 49 4.52 14.44 -10.61
CA PRO A 49 3.23 14.91 -11.13
C PRO A 49 2.36 15.65 -10.12
N TRP A 50 2.51 15.32 -8.84
CA TRP A 50 1.78 16.01 -7.80
C TRP A 50 2.68 16.99 -7.06
N ASP A 51 3.85 17.30 -7.64
CA ASP A 51 4.88 18.15 -7.03
C ASP A 51 5.21 17.66 -5.62
N LYS A 52 5.32 16.33 -5.48
CA LYS A 52 5.54 15.70 -4.20
C LYS A 52 6.98 15.21 -4.08
N ASN A 53 7.66 15.74 -3.07
CA ASN A 53 9.01 15.30 -2.76
C ASN A 53 9.27 15.60 -1.29
N PHE A 54 8.97 14.62 -0.44
CA PHE A 54 8.99 14.86 0.98
C PHE A 54 10.41 14.74 1.48
N THR A 55 10.69 15.58 2.49
CA THR A 55 11.89 15.49 3.32
C THR A 55 11.45 14.92 4.66
N VAL A 56 12.42 14.57 5.51
CA VAL A 56 12.13 13.87 6.74
C VAL A 56 11.40 14.79 7.71
N ASP A 57 11.53 16.11 7.52
CA ASP A 57 10.91 17.12 8.35
C ASP A 57 9.41 17.21 8.08
N ASP A 58 8.94 16.59 6.98
CA ASP A 58 7.57 16.75 6.51
C ASP A 58 6.63 15.69 7.09
N LEU A 59 7.19 14.63 7.66
CA LEU A 59 6.49 13.37 7.83
C LEU A 59 6.59 12.87 9.27
N LEU A 60 5.58 12.11 9.67
CA LEU A 60 5.66 11.23 10.81
C LEU A 60 5.10 9.88 10.39
N VAL A 61 5.52 8.81 11.09
CA VAL A 61 4.88 7.51 10.97
C VAL A 61 4.19 7.16 12.27
N ARG A 62 3.08 6.43 12.15
CA ARG A 62 2.32 6.01 13.31
C ARG A 62 2.13 4.50 13.24
N ILE A 63 2.42 3.86 14.37
CA ILE A 63 2.52 2.42 14.48
C ILE A 63 1.65 1.97 15.65
N GLY A 64 1.06 0.77 15.50
CA GLY A 64 0.21 0.17 16.52
C GLY A 64 -1.15 0.86 16.57
N LYS A 65 -1.52 1.51 15.47
CA LYS A 65 -2.79 2.20 15.34
C LYS A 65 -3.91 1.24 14.91
N HIS A 66 -5.11 1.40 15.48
CA HIS A 66 -6.26 0.62 15.07
C HIS A 66 -7.33 1.53 14.48
N SER A 67 -7.64 2.59 15.20
CA SER A 67 -8.46 3.69 14.72
C SER A 67 -7.72 4.45 13.62
N ARG A 68 -8.49 5.08 12.72
CA ARG A 68 -7.91 5.97 11.73
C ARG A 68 -7.58 7.34 12.35
N THR A 69 -8.53 7.94 13.08
CA THR A 69 -8.38 9.34 13.42
C THR A 69 -7.96 9.58 14.87
N ARG A 70 -8.40 8.70 15.78
CA ARG A 70 -8.12 8.86 17.20
C ARG A 70 -6.61 8.96 17.41
N TYR A 71 -6.18 9.60 18.52
CA TYR A 71 -4.84 9.41 19.04
C TYR A 71 -4.91 8.35 20.14
N GLU A 72 -4.31 7.19 19.90
CA GLU A 72 -4.43 6.08 20.81
C GLU A 72 -3.17 6.02 21.67
N ARG A 73 -3.21 6.69 22.84
CA ARG A 73 -2.05 7.05 23.64
C ARG A 73 -1.35 5.83 24.26
N LYS A 74 -2.13 4.91 24.85
CA LYS A 74 -1.56 3.78 25.57
C LYS A 74 -1.19 2.66 24.60
N VAL A 75 -0.99 2.97 23.31
CA VAL A 75 -1.07 1.93 22.29
C VAL A 75 -0.26 2.26 21.04
N GLU A 76 -0.37 3.50 20.53
CA GLU A 76 0.31 3.81 19.29
C GLU A 76 1.64 4.49 19.60
N LYS A 77 2.58 4.36 18.68
CA LYS A 77 3.84 5.08 18.79
C LYS A 77 3.95 5.99 17.59
N ILE A 78 4.26 7.27 17.83
CA ILE A 78 4.57 8.20 16.75
C ILE A 78 6.08 8.39 16.68
N SER A 79 6.66 8.27 15.48
CA SER A 79 8.10 8.41 15.33
C SER A 79 8.43 9.38 14.21
N MET A 80 9.52 10.14 14.38
CA MET A 80 10.08 10.91 13.29
C MET A 80 10.96 10.00 12.43
N LEU A 81 11.38 10.51 11.27
CA LEU A 81 12.19 9.78 10.30
C LEU A 81 13.61 10.36 10.31
N ASP A 82 14.60 9.46 10.19
CA ASP A 82 15.97 9.89 10.08
C ASP A 82 16.32 10.07 8.62
N LYS A 83 15.95 9.10 7.80
CA LYS A 83 16.41 9.13 6.42
C LYS A 83 15.39 8.47 5.50
N ILE A 84 15.29 9.02 4.29
CA ILE A 84 14.46 8.45 3.24
C ILE A 84 15.39 7.78 2.23
N TYR A 85 15.05 6.55 1.83
CA TYR A 85 15.78 5.89 0.77
C TYR A 85 14.83 5.45 -0.33
N ILE A 86 14.97 6.02 -1.52
CA ILE A 86 14.16 5.64 -2.66
C ILE A 86 15.01 4.80 -3.61
N HIS A 87 14.45 3.68 -4.07
CA HIS A 87 15.15 2.85 -5.02
C HIS A 87 15.72 3.73 -6.14
N PRO A 88 17.04 3.65 -6.41
CA PRO A 88 17.69 4.53 -7.39
C PRO A 88 17.10 4.46 -8.79
N ARG A 89 16.59 3.29 -9.19
CA ARG A 89 16.04 3.07 -10.53
C ARG A 89 14.51 3.19 -10.53
N TYR A 90 13.95 3.93 -9.57
CA TYR A 90 12.52 4.13 -9.52
C TYR A 90 12.10 5.02 -10.67
N ASN A 91 11.21 4.46 -11.50
CA ASN A 91 10.80 5.06 -12.76
C ASN A 91 9.33 5.45 -12.63
N TRP A 92 9.10 6.70 -12.21
CA TRP A 92 7.74 7.17 -12.05
C TRP A 92 7.11 7.52 -13.41
N LYS A 93 7.86 7.37 -14.50
CA LYS A 93 7.29 7.29 -15.85
C LYS A 93 6.95 5.83 -16.16
N GLU A 94 5.77 5.61 -16.77
CA GLU A 94 5.31 4.28 -17.16
C GLU A 94 4.90 3.50 -15.90
N ASN A 95 4.32 4.21 -14.93
CA ASN A 95 3.68 3.52 -13.82
C ASN A 95 4.63 2.64 -13.02
N LEU A 96 5.71 3.26 -12.56
CA LEU A 96 6.13 3.08 -11.18
C LEU A 96 6.92 1.79 -11.06
N ASP A 97 7.72 1.48 -12.08
CA ASP A 97 8.71 0.43 -11.93
C ASP A 97 9.54 0.68 -10.67
N ARG A 98 9.70 -0.37 -9.84
CA ARG A 98 10.55 -0.34 -8.66
C ARG A 98 9.98 0.62 -7.60
N ASP A 99 8.67 0.49 -7.34
CA ASP A 99 7.97 1.40 -6.47
C ASP A 99 8.20 1.00 -5.00
N ILE A 100 9.39 1.32 -4.49
CA ILE A 100 9.84 0.85 -3.19
C ILE A 100 10.73 1.89 -2.54
N ALA A 101 10.58 2.02 -1.23
CA ALA A 101 11.34 3.00 -0.47
C ALA A 101 11.48 2.48 0.95
N LEU A 102 12.56 2.87 1.61
CA LEU A 102 12.80 2.52 3.01
C LEU A 102 12.91 3.81 3.79
N LEU A 103 12.32 3.79 4.97
CA LEU A 103 12.40 4.90 5.89
C LEU A 103 13.08 4.35 7.13
N LYS A 104 14.07 5.09 7.60
CA LYS A 104 14.78 4.71 8.80
C LYS A 104 14.18 5.56 9.90
N LEU A 105 13.75 4.93 10.99
CA LEU A 105 13.12 5.68 12.08
C LEU A 105 14.22 6.49 12.79
N LYS A 106 13.98 7.79 13.16
CA LYS A 106 14.87 8.56 14.06
C LYS A 106 15.24 7.68 15.34
N ARG A 107 14.31 6.87 15.94
CA ARG A 107 14.63 6.01 17.15
C ARG A 107 13.99 4.60 17.04
N PRO A 108 14.77 3.57 17.49
CA PRO A 108 14.30 2.18 17.54
C PRO A 108 13.00 2.04 18.46
N ILE A 109 11.96 1.24 18.08
CA ILE A 109 10.79 1.33 18.97
C ILE A 109 10.76 0.06 19.80
N GLU A 110 10.07 0.10 20.94
CA GLU A 110 9.72 -1.11 21.65
C GLU A 110 8.60 -1.83 20.89
N LEU A 111 8.66 -3.16 20.89
CA LEU A 111 7.58 -3.96 20.33
C LEU A 111 6.51 -4.12 21.40
N SER A 112 5.29 -4.46 20.96
CA SER A 112 4.19 -4.62 21.88
C SER A 112 3.17 -5.57 21.28
N ASP A 113 2.04 -5.71 21.96
CA ASP A 113 0.96 -6.50 21.43
C ASP A 113 0.56 -5.93 20.06
N TYR A 114 0.81 -4.64 19.84
CA TYR A 114 0.22 -3.93 18.72
C TYR A 114 1.28 -3.53 17.72
N ILE A 115 2.54 -3.78 18.08
CA ILE A 115 3.67 -3.36 17.26
C ILE A 115 4.64 -4.52 17.14
N HIS A 116 4.86 -4.96 15.89
CA HIS A 116 5.64 -6.16 15.63
C HIS A 116 5.98 -6.25 14.15
N PRO A 117 7.26 -6.50 13.78
CA PRO A 117 7.69 -6.57 12.38
C PRO A 117 7.16 -7.75 11.58
N VAL A 118 6.99 -7.53 10.28
CA VAL A 118 6.65 -8.59 9.33
C VAL A 118 7.94 -9.20 8.80
N CYS A 119 7.87 -10.44 8.30
CA CYS A 119 9.04 -11.06 7.68
C CYS A 119 9.10 -10.65 6.21
N LEU A 120 10.33 -10.55 5.68
CA LEU A 120 10.51 -10.33 4.27
C LEU A 120 10.74 -11.71 3.67
N PRO A 121 10.27 -11.99 2.43
CA PRO A 121 10.41 -13.32 1.86
C PRO A 121 11.85 -13.59 1.43
N ASP A 122 12.24 -14.86 1.41
CA ASP A 122 13.45 -15.30 0.73
C ASP A 122 13.05 -16.15 -0.47
N LYS A 123 14.04 -16.81 -1.09
CA LYS A 123 13.82 -17.54 -2.32
C LYS A 123 12.74 -18.59 -2.15
N GLN A 124 12.88 -19.45 -1.12
CA GLN A 124 11.94 -20.54 -0.84
C GLN A 124 10.54 -19.98 -0.65
N THR A 125 10.43 -18.91 0.13
CA THR A 125 9.15 -18.32 0.43
C THR A 125 8.44 -17.91 -0.85
N ALA A 126 9.15 -17.15 -1.70
CA ALA A 126 8.60 -16.70 -2.96
C ALA A 126 8.16 -17.89 -3.83
N ALA A 127 9.01 -18.93 -3.87
CA ALA A 127 8.73 -20.07 -4.72
C ALA A 127 7.49 -20.82 -4.25
N LYS A 128 7.33 -20.94 -2.92
CA LYS A 128 6.22 -21.67 -2.35
C LYS A 128 4.92 -20.87 -2.42
N LEU A 129 5.00 -19.55 -2.18
CA LEU A 129 3.78 -18.79 -1.91
C LEU A 129 3.23 -18.11 -3.16
N LEU A 130 4.08 -17.76 -4.14
CA LEU A 130 3.60 -16.95 -5.26
C LEU A 130 3.06 -17.85 -6.36
N HIS A 131 1.77 -18.20 -6.26
CA HIS A 131 1.09 -18.99 -7.27
C HIS A 131 -0.30 -18.42 -7.48
N ALA A 132 -0.74 -18.38 -8.76
CA ALA A 132 -2.03 -17.81 -9.09
C ALA A 132 -3.09 -18.53 -8.26
N GLY A 133 -4.00 -17.76 -7.67
CA GLY A 133 -5.06 -18.35 -6.88
C GLY A 133 -4.75 -18.42 -5.40
N PHE A 134 -3.45 -18.39 -5.02
CA PHE A 134 -3.11 -18.24 -3.61
C PHE A 134 -3.48 -16.83 -3.19
N LYS A 135 -4.13 -16.75 -2.03
CA LYS A 135 -4.63 -15.51 -1.49
C LYS A 135 -3.61 -14.91 -0.53
N GLY A 136 -3.42 -13.60 -0.67
CA GLY A 136 -2.76 -12.77 0.32
C GLY A 136 -3.76 -11.80 0.93
N ARG A 137 -3.24 -10.84 1.70
CA ARG A 137 -4.05 -9.94 2.51
C ARG A 137 -3.52 -8.50 2.44
N VAL A 138 -4.45 -7.55 2.22
CA VAL A 138 -4.11 -6.14 2.12
C VAL A 138 -4.86 -5.43 3.23
N THR A 139 -4.23 -4.42 3.83
CA THR A 139 -4.76 -3.67 4.97
C THR A 139 -4.44 -2.20 4.77
N GLY A 140 -5.34 -1.33 5.21
CA GLY A 140 -5.04 0.09 5.14
C GLY A 140 -6.21 0.93 5.61
N TRP A 141 -5.99 2.24 5.65
CA TRP A 141 -6.98 3.21 6.10
C TRP A 141 -7.59 3.99 4.93
N GLY A 142 -7.40 3.49 3.69
CA GLY A 142 -7.86 4.24 2.52
C GLY A 142 -9.37 4.15 2.29
N ASN A 143 -9.81 4.74 1.18
CA ASN A 143 -11.21 4.85 0.83
C ASN A 143 -11.86 3.48 0.69
N ARG A 144 -13.10 3.41 1.17
CA ARG A 144 -13.94 2.24 1.06
C ARG A 144 -14.63 2.18 -0.31
N ARG A 145 -14.52 3.25 -1.11
CA ARG A 145 -15.03 3.27 -2.48
C ARG A 145 -14.25 4.27 -3.33
N GLU A 146 -14.17 3.94 -4.62
CA GLU A 146 -13.47 4.72 -5.64
C GLU A 146 -14.05 6.13 -5.74
N THR A 147 -15.39 6.25 -5.72
CA THR A 147 -16.05 7.56 -5.86
C THR A 147 -17.05 7.78 -4.73
N TRP A 148 -17.56 9.00 -4.66
CA TRP A 148 -18.55 9.42 -3.68
C TRP A 148 -19.54 10.43 -4.28
N THR A 149 -20.70 10.59 -3.63
CA THR A 149 -21.70 11.58 -4.03
C THR A 149 -21.30 12.96 -3.53
N THR A 150 -21.01 13.09 -2.22
CA THR A 150 -20.88 14.39 -1.59
C THR A 150 -19.42 14.70 -1.24
N SER A 151 -18.80 13.86 -0.41
CA SER A 151 -17.47 14.14 0.10
C SER A 151 -16.68 12.86 0.35
N VAL A 152 -15.36 12.97 0.20
CA VAL A 152 -14.44 11.87 0.45
C VAL A 152 -14.65 11.33 1.86
N ALA A 153 -14.92 12.24 2.80
CA ALA A 153 -15.20 11.91 4.19
C ALA A 153 -16.16 10.74 4.30
N GLU A 154 -17.05 10.60 3.32
CA GLU A 154 -18.11 9.62 3.45
C GLU A 154 -17.59 8.20 3.17
N VAL A 155 -16.44 8.06 2.51
CA VAL A 155 -15.94 6.73 2.20
C VAL A 155 -14.74 6.37 3.08
N GLN A 156 -14.49 7.13 4.14
CA GLN A 156 -13.31 6.91 4.96
C GLN A 156 -13.66 6.02 6.15
N PRO A 157 -12.86 4.98 6.48
CA PRO A 157 -13.21 4.05 7.57
C PRO A 157 -12.84 4.63 8.94
N SER A 158 -13.49 4.14 10.01
CA SER A 158 -13.15 4.53 11.36
C SER A 158 -11.97 3.71 11.85
N VAL A 159 -11.88 2.45 11.37
CA VAL A 159 -10.83 1.53 11.80
C VAL A 159 -10.14 0.91 10.60
N LEU A 160 -8.93 0.40 10.83
CA LEU A 160 -8.14 -0.29 9.84
C LEU A 160 -9.02 -1.36 9.21
N GLN A 161 -9.02 -1.40 7.87
CA GLN A 161 -9.69 -2.40 7.06
C GLN A 161 -8.71 -3.46 6.58
N VAL A 162 -9.22 -4.67 6.34
CA VAL A 162 -8.47 -5.80 5.82
C VAL A 162 -9.27 -6.43 4.67
N VAL A 163 -8.58 -6.96 3.66
CA VAL A 163 -9.22 -7.75 2.63
C VAL A 163 -8.23 -8.81 2.16
N ASN A 164 -8.77 -10.00 1.85
CA ASN A 164 -7.99 -11.11 1.32
C ASN A 164 -8.26 -11.22 -0.19
N LEU A 165 -7.18 -11.32 -0.99
CA LEU A 165 -7.32 -11.25 -2.43
C LEU A 165 -6.36 -12.27 -3.05
N PRO A 166 -6.75 -12.95 -4.16
CA PRO A 166 -5.87 -13.93 -4.80
C PRO A 166 -4.88 -13.35 -5.83
N LEU A 167 -3.66 -13.89 -5.81
CA LEU A 167 -2.72 -13.62 -6.88
C LEU A 167 -3.35 -14.07 -8.19
N VAL A 168 -3.12 -13.26 -9.24
CA VAL A 168 -3.65 -13.45 -10.57
C VAL A 168 -2.49 -13.81 -11.52
N GLU A 169 -2.74 -14.63 -12.55
CA GLU A 169 -1.72 -15.03 -13.50
C GLU A 169 -1.23 -13.83 -14.28
N ARG A 170 0.09 -13.77 -14.50
CA ARG A 170 0.78 -12.70 -15.22
C ARG A 170 0.05 -12.39 -16.54
N PRO A 171 -0.26 -13.40 -17.39
CA PRO A 171 -0.94 -13.15 -18.66
C PRO A 171 -2.26 -12.41 -18.47
N VAL A 172 -3.00 -12.81 -17.44
CA VAL A 172 -4.26 -12.16 -17.11
C VAL A 172 -3.99 -10.73 -16.63
N CYS A 173 -2.92 -10.51 -15.86
CA CYS A 173 -2.58 -9.16 -15.42
C CYS A 173 -2.29 -8.27 -16.63
N LYS A 174 -1.48 -8.80 -17.58
CA LYS A 174 -1.03 -8.06 -18.75
C LYS A 174 -2.21 -7.75 -19.66
N ALA A 175 -3.12 -8.71 -19.77
CA ALA A 175 -4.29 -8.56 -20.61
C ALA A 175 -5.28 -7.55 -20.01
N SER A 176 -5.13 -7.17 -18.74
CA SER A 176 -6.20 -6.39 -18.15
C SER A 176 -5.99 -4.89 -18.35
N THR A 177 -4.85 -4.50 -18.92
CA THR A 177 -4.43 -3.10 -18.91
C THR A 177 -3.50 -2.86 -20.09
N ARG A 178 -3.37 -1.58 -20.47
CA ARG A 178 -2.49 -1.26 -21.57
C ARG A 178 -1.15 -0.76 -21.04
N ILE A 179 -1.05 -0.56 -19.73
CA ILE A 179 0.22 -0.16 -19.11
C ILE A 179 1.19 -1.32 -19.21
N ARG A 180 2.47 -1.03 -19.46
CA ARG A 180 3.46 -2.09 -19.54
C ARG A 180 3.75 -2.58 -18.11
N ILE A 181 3.58 -3.88 -17.89
CA ILE A 181 3.80 -4.52 -16.59
C ILE A 181 5.20 -5.10 -16.58
N THR A 182 5.96 -4.86 -15.51
CA THR A 182 7.31 -5.40 -15.47
C THR A 182 7.39 -6.53 -14.45
N ASP A 183 8.59 -7.08 -14.34
CA ASP A 183 8.80 -8.22 -13.47
C ASP A 183 8.86 -7.75 -12.03
N ASN A 184 8.75 -6.42 -11.82
CA ASN A 184 8.84 -5.81 -10.49
C ASN A 184 7.45 -5.55 -9.91
N MET A 185 6.42 -6.11 -10.57
CA MET A 185 5.03 -5.90 -10.27
C MET A 185 4.33 -7.24 -10.31
N PHE A 186 3.23 -7.37 -9.57
CA PHE A 186 2.28 -8.45 -9.77
C PHE A 186 0.88 -7.90 -9.53
N CYS A 187 -0.13 -8.65 -9.96
CA CYS A 187 -1.46 -8.14 -9.72
C CYS A 187 -2.26 -9.16 -8.89
N ALA A 188 -3.26 -8.66 -8.18
CA ALA A 188 -4.13 -9.53 -7.39
C ALA A 188 -5.55 -8.98 -7.42
N GLY A 189 -6.52 -9.87 -7.23
CA GLY A 189 -7.92 -9.48 -7.20
C GLY A 189 -8.78 -10.58 -7.81
N TYR A 190 -10.11 -10.45 -7.63
CA TYR A 190 -11.03 -11.43 -8.16
C TYR A 190 -11.32 -11.13 -9.65
N LYS A 191 -11.48 -12.19 -10.46
CA LYS A 191 -11.97 -12.06 -11.83
C LYS A 191 -13.46 -11.79 -11.80
N PRO A 192 -14.05 -11.13 -12.83
CA PRO A 192 -15.49 -10.85 -12.82
C PRO A 192 -16.24 -12.18 -12.80
N GLY A 193 -17.29 -12.21 -11.95
CA GLY A 193 -18.08 -13.40 -11.73
C GLY A 193 -17.30 -14.54 -11.07
N GLU A 194 -16.20 -14.21 -10.38
CA GLU A 194 -15.75 -15.08 -9.31
C GLU A 194 -16.70 -14.97 -8.13
N GLY A 195 -17.44 -13.87 -8.03
CA GLY A 195 -18.48 -13.83 -7.02
C GLY A 195 -17.95 -13.35 -5.67
N LYS A 196 -16.69 -12.90 -5.68
CA LYS A 196 -16.17 -12.09 -4.60
C LYS A 196 -15.54 -10.83 -5.20
N ARG A 197 -15.40 -9.78 -4.37
CA ARG A 197 -14.83 -8.51 -4.79
C ARG A 197 -13.77 -8.06 -3.79
N GLY A 198 -13.14 -6.91 -4.06
CA GLY A 198 -12.26 -6.28 -3.10
C GLY A 198 -11.02 -5.70 -3.78
N ASP A 199 -10.44 -4.67 -3.19
CA ASP A 199 -9.30 -3.98 -3.76
C ASP A 199 -8.73 -2.97 -2.76
N ALA A 200 -7.46 -2.58 -2.96
CA ALA A 200 -6.91 -1.36 -2.38
C ALA A 200 -7.49 -0.16 -3.13
N CYS A 201 -7.52 0.98 -2.44
CA CYS A 201 -8.00 2.22 -3.03
C CYS A 201 -7.19 3.37 -2.44
N GLU A 202 -7.60 4.60 -2.76
CA GLU A 202 -6.84 5.79 -2.38
C GLU A 202 -6.56 5.84 -0.89
N GLY A 203 -5.29 6.05 -0.52
CA GLY A 203 -4.85 6.17 0.86
C GLY A 203 -4.30 4.85 1.41
N ASP A 204 -4.41 3.75 0.63
CA ASP A 204 -3.89 2.45 1.03
C ASP A 204 -2.50 2.21 0.45
N SER A 205 -2.13 2.99 -0.57
CA SER A 205 -0.88 2.72 -1.25
C SER A 205 0.31 2.84 -0.29
N GLY A 206 1.38 2.10 -0.60
CA GLY A 206 2.54 1.99 0.26
C GLY A 206 2.33 0.94 1.36
N GLY A 207 1.07 0.52 1.54
CA GLY A 207 0.73 -0.49 2.52
C GLY A 207 1.11 -1.90 2.05
N PRO A 208 1.09 -2.91 2.96
CA PRO A 208 1.58 -4.25 2.65
C PRO A 208 0.53 -5.23 2.13
N PHE A 209 0.98 -6.08 1.22
CA PHE A 209 0.31 -7.31 0.82
C PHE A 209 1.10 -8.45 1.42
N VAL A 210 0.49 -9.14 2.40
CA VAL A 210 1.18 -10.18 3.15
C VAL A 210 0.55 -11.54 2.87
N MET A 211 1.33 -12.59 3.07
CA MET A 211 0.83 -13.96 2.98
C MET A 211 1.35 -14.72 4.20
N LYS A 212 0.54 -15.66 4.73
CA LYS A 212 0.94 -16.50 5.84
C LYS A 212 1.53 -17.81 5.31
N SER A 213 2.73 -18.17 5.78
CA SER A 213 3.34 -19.41 5.40
C SER A 213 2.73 -20.57 6.19
N PRO A 214 2.29 -21.66 5.50
CA PRO A 214 1.77 -22.85 6.19
C PRO A 214 2.92 -23.57 6.89
N TYR A 215 4.11 -23.42 6.29
CA TYR A 215 5.32 -24.14 6.68
C TYR A 215 5.85 -23.67 8.01
N ASN A 216 5.82 -22.37 8.30
CA ASN A 216 6.41 -21.90 9.54
C ASN A 216 5.47 -20.98 10.31
N ASN A 217 4.24 -20.80 9.81
CA ASN A 217 3.24 -20.09 10.59
C ASN A 217 3.59 -18.60 10.66
N ARG A 218 4.39 -18.09 9.72
CA ARG A 218 4.86 -16.72 9.81
C ARG A 218 4.31 -15.90 8.66
N TRP A 219 4.11 -14.60 8.91
CA TRP A 219 3.63 -13.68 7.90
C TRP A 219 4.78 -13.04 7.15
N TYR A 220 4.59 -12.92 5.83
CA TYR A 220 5.59 -12.40 4.91
C TYR A 220 4.98 -11.32 4.01
N GLN A 221 5.72 -10.22 3.82
CA GLN A 221 5.25 -9.19 2.90
C GLN A 221 5.74 -9.49 1.49
N MET A 222 4.82 -9.88 0.62
CA MET A 222 5.19 -10.23 -0.74
C MET A 222 5.07 -8.98 -1.61
N GLY A 223 4.30 -8.01 -1.11
CA GLY A 223 3.89 -6.89 -1.93
C GLY A 223 3.83 -5.58 -1.18
N ILE A 224 3.88 -4.48 -1.98
CA ILE A 224 3.55 -3.13 -1.57
C ILE A 224 2.46 -2.64 -2.50
N VAL A 225 1.37 -2.09 -1.94
CA VAL A 225 0.34 -1.47 -2.76
C VAL A 225 0.95 -0.33 -3.58
N SER A 226 0.84 -0.46 -4.91
CA SER A 226 1.57 0.40 -5.84
C SER A 226 0.60 1.19 -6.74
N TRP A 227 -0.21 0.51 -7.55
CA TRP A 227 -1.08 1.27 -8.45
C TRP A 227 -2.30 0.46 -8.89
N GLY A 228 -3.33 1.19 -9.35
CA GLY A 228 -4.54 0.64 -9.91
C GLY A 228 -5.26 1.64 -10.83
N GLU A 229 -5.98 1.08 -11.81
CA GLU A 229 -6.90 1.85 -12.64
C GLU A 229 -8.29 1.72 -12.02
N GLY A 230 -8.66 2.72 -11.22
CA GLY A 230 -9.84 2.68 -10.38
C GLY A 230 -9.58 1.81 -9.15
N CYS A 231 -10.64 1.52 -8.38
CA CYS A 231 -10.63 0.55 -7.31
C CYS A 231 -11.78 -0.43 -7.56
N ASP A 232 -11.49 -1.72 -7.48
CA ASP A 232 -12.54 -2.73 -7.49
C ASP A 232 -13.40 -2.69 -8.76
N ARG A 233 -12.82 -2.35 -9.92
CA ARG A 233 -13.56 -2.40 -11.17
C ARG A 233 -13.47 -3.80 -11.78
N ASP A 234 -14.56 -4.23 -12.43
CA ASP A 234 -14.57 -5.56 -13.05
C ASP A 234 -13.57 -5.59 -14.19
N GLY A 235 -12.82 -6.71 -14.29
CA GLY A 235 -11.79 -6.87 -15.30
C GLY A 235 -10.52 -6.07 -15.02
N LYS A 236 -10.44 -5.44 -13.84
CA LYS A 236 -9.23 -4.74 -13.43
C LYS A 236 -8.66 -5.37 -12.16
N TYR A 237 -7.38 -5.09 -11.88
CA TYR A 237 -6.63 -5.72 -10.81
C TYR A 237 -5.75 -4.67 -10.13
N GLY A 238 -5.51 -4.89 -8.84
CA GLY A 238 -4.54 -4.11 -8.10
C GLY A 238 -3.14 -4.57 -8.49
N PHE A 239 -2.24 -3.60 -8.67
CA PHE A 239 -0.84 -3.89 -8.91
C PHE A 239 0.00 -3.52 -7.69
N TYR A 240 1.02 -4.35 -7.45
CA TYR A 240 1.81 -4.37 -6.24
C TYR A 240 3.29 -4.53 -6.57
N THR A 241 4.15 -3.80 -5.87
CA THR A 241 5.58 -3.99 -5.97
C THR A 241 5.94 -5.38 -5.47
N HIS A 242 6.72 -6.09 -6.29
CA HIS A 242 7.24 -7.42 -6.00
C HIS A 242 8.41 -7.27 -5.04
N VAL A 243 8.13 -7.41 -3.74
CA VAL A 243 9.13 -7.19 -2.71
C VAL A 243 10.31 -8.15 -2.89
N PHE A 244 10.04 -9.45 -3.12
CA PHE A 244 11.13 -10.40 -3.18
C PHE A 244 12.09 -10.03 -4.31
N ARG A 245 11.56 -9.59 -5.44
CA ARG A 245 12.42 -9.29 -6.57
C ARG A 245 13.31 -8.08 -6.28
N LEU A 246 12.96 -7.27 -5.27
CA LEU A 246 13.73 -6.07 -5.00
C LEU A 246 14.50 -6.20 -3.70
N LYS A 247 14.62 -7.44 -3.20
CA LYS A 247 15.19 -7.68 -1.87
C LYS A 247 16.66 -7.30 -1.82
N LYS A 248 17.41 -7.57 -2.91
CA LYS A 248 18.81 -7.20 -3.01
C LYS A 248 19.01 -5.72 -2.70
N TRP A 249 18.16 -4.84 -3.25
CA TRP A 249 18.28 -3.44 -2.93
C TRP A 249 17.94 -3.18 -1.46
N ILE A 250 16.95 -3.89 -0.93
CA ILE A 250 16.63 -3.70 0.48
C ILE A 250 17.84 -4.05 1.33
N GLN A 251 18.49 -5.15 0.98
CA GLN A 251 19.60 -5.63 1.78
C GLN A 251 20.77 -4.65 1.72
N LYS A 252 21.04 -4.14 0.51
CA LYS A 252 22.09 -3.18 0.27
C LYS A 252 21.96 -2.01 1.24
N VAL A 253 20.75 -1.45 1.29
CA VAL A 253 20.51 -0.22 2.02
C VAL A 253 20.71 -0.48 3.52
N ILE A 254 20.18 -1.60 4.00
CA ILE A 254 20.16 -1.84 5.44
C ILE A 254 21.54 -2.24 5.92
N ASP A 255 22.29 -2.96 5.09
CA ASP A 255 23.59 -3.48 5.46
C ASP A 255 24.70 -2.44 5.29
N ARG A 256 24.42 -1.34 4.57
CA ARG A 256 25.34 -0.22 4.44
C ARG A 256 25.74 0.27 5.82
N LEU A 257 27.04 0.56 5.94
CA LEU A 257 27.75 1.06 7.10
C LEU A 257 27.02 2.20 7.81
N GLY A 258 26.82 3.37 7.15
CA GLY A 258 26.13 4.55 7.65
C GLY A 258 24.80 4.29 8.35
N SER A 259 23.87 3.58 7.68
CA SER A 259 22.71 2.99 8.36
C SER A 259 22.23 1.65 7.79
N VAL B 1 -0.69 4.89 -6.17
CA VAL B 1 -1.67 5.89 -6.69
C VAL B 1 -2.81 5.15 -7.37
N VAL B 2 -4.02 5.69 -7.22
CA VAL B 2 -5.14 5.18 -7.97
C VAL B 2 -5.48 6.20 -9.07
N TYR B 3 -5.48 5.72 -10.31
CA TYR B 3 -5.99 6.55 -11.38
C TYR B 3 -7.52 6.48 -11.38
N THR B 4 -8.14 7.65 -11.21
CA THR B 4 -9.59 7.79 -11.25
C THR B 4 -9.96 8.61 -12.48
N ASP B 5 -11.26 8.85 -12.68
CA ASP B 5 -11.76 9.44 -13.92
C ASP B 5 -11.30 10.88 -14.04
N CYS B 6 -10.88 11.27 -15.26
CA CYS B 6 -10.57 12.65 -15.57
C CYS B 6 -11.82 13.49 -15.34
N THR B 7 -11.66 14.67 -14.73
CA THR B 7 -12.80 15.47 -14.33
C THR B 7 -12.89 16.77 -15.14
N GLU B 8 -11.79 17.14 -15.83
CA GLU B 8 -11.90 18.16 -16.87
C GLU B 8 -10.95 17.86 -18.01
N SER B 9 -11.24 18.41 -19.20
CA SER B 9 -10.39 18.27 -20.38
C SER B 9 -9.02 18.86 -20.11
N GLY B 10 -7.99 18.22 -20.69
CA GLY B 10 -6.62 18.68 -20.50
C GLY B 10 -5.86 17.85 -19.46
N GLN B 11 -6.58 17.09 -18.63
CA GLN B 11 -5.95 16.31 -17.58
C GLN B 11 -5.28 15.08 -18.18
N ASN B 12 -4.25 14.60 -17.49
CA ASN B 12 -3.78 13.25 -17.71
C ASN B 12 -3.59 12.54 -16.36
N LEU B 13 -2.92 11.38 -16.42
CA LEU B 13 -2.75 10.55 -15.24
C LEU B 13 -4.10 10.38 -14.55
N CYS B 14 -5.10 10.03 -15.38
CA CYS B 14 -6.46 9.73 -14.94
C CYS B 14 -7.11 8.82 -15.98
N LEU B 15 -8.26 8.23 -15.62
CA LEU B 15 -8.95 7.33 -16.53
C LEU B 15 -9.73 8.16 -17.54
N CYS B 16 -9.39 7.99 -18.82
CA CYS B 16 -9.95 8.80 -19.89
C CYS B 16 -10.83 7.89 -20.76
N GLU B 17 -10.21 6.97 -21.50
CA GLU B 17 -11.00 6.04 -22.29
C GLU B 17 -11.29 4.77 -21.48
N GLY B 18 -12.57 4.59 -21.12
CA GLY B 18 -12.97 3.51 -20.25
C GLY B 18 -12.14 3.50 -18.96
N SER B 19 -11.48 2.36 -18.72
CA SER B 19 -10.75 2.13 -17.48
C SER B 19 -9.25 2.20 -17.73
N ASN B 20 -8.83 3.00 -18.72
CA ASN B 20 -7.44 3.10 -19.10
C ASN B 20 -6.86 4.46 -18.71
N VAL B 21 -5.73 4.46 -18.01
CA VAL B 21 -5.07 5.72 -17.72
C VAL B 21 -4.65 6.39 -19.03
N SEC B 22 -4.84 7.70 -19.05
CA SEC B 22 -4.32 8.58 -20.07
C SEC B 22 -2.98 9.11 -19.56
N GLY B 23 -1.87 8.67 -20.16
CA GLY B 23 -0.57 8.83 -19.53
C GLY B 23 0.09 10.17 -19.84
N GLN B 24 1.38 10.26 -19.54
CA GLN B 24 2.11 11.52 -19.56
C GLN B 24 2.15 12.39 -20.82
N GLY B 25 2.54 11.90 -21.99
CA GLY B 25 2.59 12.83 -23.11
C GLY B 25 1.24 12.94 -23.81
N ASN B 26 0.17 12.80 -23.02
CA ASN B 26 -1.17 12.75 -23.56
C ASN B 26 -2.06 13.61 -22.68
N LYS B 27 -3.27 13.88 -23.17
CA LYS B 27 -4.26 14.63 -22.45
C LYS B 27 -5.63 14.09 -22.85
N CYS B 28 -6.63 14.38 -22.01
CA CYS B 28 -7.93 13.76 -22.12
C CYS B 28 -8.95 14.81 -22.56
N ILE B 29 -9.54 14.57 -23.75
CA ILE B 29 -10.62 15.42 -24.22
C ILE B 29 -11.91 14.82 -23.71
N LEU B 30 -12.56 15.52 -22.78
CA LEU B 30 -13.76 14.99 -22.19
C LEU B 30 -14.90 15.10 -23.17
N GLY B 31 -15.51 13.95 -23.49
CA GLY B 31 -16.81 13.96 -24.13
C GLY B 31 -17.87 14.57 -23.21
N SER B 32 -18.66 15.50 -23.75
CA SER B 32 -19.90 15.83 -23.07
C SER B 32 -20.99 15.04 -23.77
N ASP B 33 -22.19 15.07 -23.21
CA ASP B 33 -23.44 14.46 -23.66
C ASP B 33 -23.33 13.60 -24.91
N GLY B 34 -23.21 12.28 -24.71
CA GLY B 34 -23.27 11.31 -25.78
C GLY B 34 -21.96 11.18 -26.57
N GLU B 35 -20.92 11.87 -26.09
CA GLU B 35 -19.61 11.80 -26.70
C GLU B 35 -18.71 10.91 -25.86
N LYS B 36 -17.86 10.13 -26.51
CA LYS B 36 -16.84 9.38 -25.81
C LYS B 36 -15.71 10.33 -25.43
N ASN B 37 -14.92 9.91 -24.43
CA ASN B 37 -13.73 10.65 -24.12
C ASN B 37 -12.64 10.19 -25.08
N GLN B 38 -11.65 11.06 -25.29
CA GLN B 38 -10.51 10.69 -26.12
C GLN B 38 -9.24 11.06 -25.37
N SEC B 39 -8.31 10.10 -25.31
CA SEC B 39 -6.94 10.32 -24.87
C SEC B 39 -6.11 10.68 -26.10
N VAL B 40 -5.60 11.91 -26.18
CA VAL B 40 -4.80 12.30 -27.34
C VAL B 40 -3.39 12.73 -26.94
N THR B 41 -2.44 12.54 -27.87
CA THR B 41 -1.10 13.12 -27.72
C THR B 41 -1.24 14.61 -27.46
N GLY B 42 -0.41 15.13 -26.54
CA GLY B 42 -0.43 16.53 -26.14
C GLY B 42 0.00 16.66 -24.69
N GLU B 43 0.25 17.89 -24.23
CA GLU B 43 0.67 18.04 -22.85
C GLU B 43 -0.55 18.12 -21.96
N GLY B 44 -0.57 17.25 -20.94
CA GLY B 44 -1.70 17.25 -20.03
C GLY B 44 -1.28 17.68 -18.62
N THR B 45 -2.25 18.07 -17.81
CA THR B 45 -2.04 18.39 -16.40
C THR B 45 -2.49 17.18 -15.58
N PRO B 46 -1.67 16.65 -14.66
CA PRO B 46 -2.11 15.54 -13.82
C PRO B 46 -3.38 15.90 -13.06
N LYS B 47 -4.35 14.97 -13.06
CA LYS B 47 -5.48 15.18 -12.17
C LYS B 47 -4.98 15.32 -10.74
N PRO B 48 -5.29 16.43 -10.04
CA PRO B 48 -4.84 16.66 -8.66
C PRO B 48 -5.27 15.57 -7.69
N GLN B 49 -4.40 15.28 -6.70
CA GLN B 49 -4.66 14.23 -5.74
C GLN B 49 -5.82 14.68 -4.84
N SER B 50 -6.66 13.72 -4.44
CA SER B 50 -7.65 14.02 -3.42
C SER B 50 -7.01 13.97 -2.03
N HIS B 51 -7.21 15.05 -1.24
CA HIS B 51 -6.54 15.07 0.04
C HIS B 51 -7.22 14.01 0.90
N ASN B 52 -6.39 13.14 1.47
CA ASN B 52 -6.87 12.10 2.39
C ASN B 52 -7.24 12.68 3.75
N ASP B 53 -8.36 13.39 3.69
CA ASP B 53 -8.66 14.53 4.54
C ASP B 53 -9.30 14.00 5.81
N GLY B 54 -8.81 14.45 6.94
CA GLY B 54 -9.62 14.01 8.04
C GLY B 54 -9.84 14.99 9.18
N ASP B 55 -10.47 14.37 10.16
CA ASP B 55 -10.68 14.93 11.46
C ASP B 55 -9.81 14.13 12.43
N PHE B 56 -8.50 14.39 12.40
CA PHE B 56 -7.56 13.69 13.26
C PHE B 56 -7.58 14.33 14.64
N GLU B 57 -7.46 13.51 15.68
CA GLU B 57 -7.31 14.04 17.02
C GLU B 57 -5.89 14.54 17.10
N GLU B 58 -5.66 15.63 17.86
CA GLU B 58 -4.34 16.21 17.92
C GLU B 58 -3.42 15.32 18.74
N ILE B 59 -2.21 15.13 18.19
CA ILE B 59 -1.16 14.36 18.82
C ILE B 59 -0.31 15.35 19.58
N PRO B 60 0.59 14.92 20.51
CA PRO B 60 1.49 15.84 21.22
C PRO B 60 2.18 16.88 20.32
N GLU B 61 2.32 18.10 20.85
CA GLU B 61 2.87 19.24 20.12
C GLU B 61 4.33 18.96 19.77
N GLU B 62 4.91 18.04 20.54
CA GLU B 62 6.31 17.67 20.40
C GLU B 62 6.59 17.06 19.04
N TYR B 63 5.57 16.51 18.40
CA TYR B 63 5.80 15.85 17.13
C TYR B 63 5.59 16.83 15.97
N LEU B 64 6.00 18.10 16.12
CA LEU B 64 5.89 19.11 15.07
C LEU B 64 7.03 20.13 15.19
N GLN B 65 7.14 20.67 16.40
CA GLN B 65 7.98 21.80 16.75
C GLN B 65 9.26 21.26 17.39
N LYS C 13 25.19 -4.04 13.90
CA LYS C 13 23.74 -4.27 13.78
C LYS C 13 23.11 -2.97 13.25
N THR C 14 22.92 -2.93 11.93
CA THR C 14 22.22 -1.81 11.30
C THR C 14 20.76 -2.17 11.00
N PHE C 15 20.40 -3.46 10.97
CA PHE C 15 19.03 -3.87 10.71
C PHE C 15 18.15 -3.62 11.94
N GLY C 16 18.72 -3.84 13.14
CA GLY C 16 18.02 -3.75 14.41
C GLY C 16 17.47 -5.11 14.82
N ALA C 17 16.81 -5.12 15.99
CA ALA C 17 16.13 -6.31 16.47
C ALA C 17 14.88 -6.52 15.64
N GLY C 18 14.46 -7.79 15.51
CA GLY C 18 13.14 -8.12 15.01
C GLY C 18 13.12 -9.22 13.95
N GLU C 19 14.29 -9.61 13.41
CA GLU C 19 14.27 -10.55 12.28
C GLU C 19 13.93 -11.95 12.75
N ALA C 20 14.44 -12.35 13.93
CA ALA C 20 14.29 -13.71 14.39
C ALA C 20 12.84 -13.98 14.77
N ASP C 21 12.15 -12.95 15.29
CA ASP C 21 10.78 -13.15 15.76
C ASP C 21 9.72 -12.57 14.79
N CYS C 22 10.11 -12.23 13.56
CA CYS C 22 9.23 -11.55 12.60
C CYS C 22 8.04 -12.42 12.19
N GLY C 23 6.94 -11.77 11.81
CA GLY C 23 5.82 -12.49 11.23
C GLY C 23 4.97 -13.25 12.25
N LEU C 24 5.31 -13.16 13.55
CA LEU C 24 4.54 -13.85 14.56
C LEU C 24 3.81 -12.81 15.42
N ARG C 25 2.48 -12.80 15.33
CA ARG C 25 1.71 -11.75 15.99
C ARG C 25 1.50 -12.13 17.45
N PRO C 26 1.78 -11.19 18.40
CA PRO C 26 1.58 -11.43 19.84
C PRO C 26 0.15 -11.79 20.23
N LEU C 27 -0.84 -11.25 19.50
CA LEU C 27 -2.22 -11.53 19.84
C LEU C 27 -2.78 -12.72 19.06
N PHE C 28 -1.98 -13.30 18.15
CA PHE C 28 -2.46 -14.45 17.40
C PHE C 28 -1.54 -15.64 17.59
N GLU C 29 -0.54 -15.74 16.73
CA GLU C 29 0.35 -16.90 16.71
C GLU C 29 1.01 -17.12 18.07
N LYS C 30 1.49 -16.05 18.71
CA LYS C 30 2.15 -16.19 20.00
C LYS C 30 1.21 -16.82 21.03
N LYS C 31 -0.10 -16.71 20.82
CA LYS C 31 -1.06 -17.23 21.78
C LYS C 31 -1.76 -18.47 21.23
N GLN C 32 -1.31 -18.96 20.08
CA GLN C 32 -1.95 -20.11 19.45
C GLN C 32 -3.43 -19.83 19.15
N VAL C 33 -3.72 -18.58 18.77
CA VAL C 33 -5.06 -18.13 18.38
C VAL C 33 -5.06 -17.72 16.89
N GLN C 34 -6.15 -18.05 16.19
CA GLN C 34 -6.28 -17.72 14.78
C GLN C 34 -7.14 -16.47 14.62
N ASP C 35 -6.77 -15.59 13.67
CA ASP C 35 -7.61 -14.45 13.34
C ASP C 35 -8.84 -14.92 12.57
N GLN C 36 -9.81 -14.01 12.38
CA GLN C 36 -11.12 -14.42 11.89
C GLN C 36 -11.11 -14.91 10.44
N THR C 37 -10.07 -14.59 9.65
CA THR C 37 -10.17 -14.90 8.23
C THR C 37 -8.94 -15.62 7.69
N GLU C 38 -7.95 -15.95 8.53
CA GLU C 38 -6.76 -16.59 8.00
C GLU C 38 -7.10 -17.96 7.40
N LYS C 39 -8.14 -18.63 7.91
CA LYS C 39 -8.58 -19.90 7.36
C LYS C 39 -8.79 -19.82 5.85
N GLU C 40 -9.40 -18.72 5.41
CA GLU C 40 -9.62 -18.43 4.01
C GLU C 40 -8.30 -18.51 3.24
N LEU C 41 -7.23 -17.94 3.81
CA LEU C 41 -5.99 -17.91 3.07
C LEU C 41 -5.51 -19.35 2.83
N PHE C 42 -5.61 -20.20 3.86
CA PHE C 42 -5.10 -21.57 3.77
C PHE C 42 -5.98 -22.38 2.83
N GLU C 43 -7.30 -22.16 2.84
CA GLU C 43 -8.19 -22.82 1.91
C GLU C 43 -7.75 -22.55 0.47
N SER C 44 -7.22 -21.33 0.22
CA SER C 44 -6.80 -20.96 -1.12
C SER C 44 -5.58 -21.78 -1.54
N TYR C 45 -4.78 -22.24 -0.58
CA TYR C 45 -3.60 -23.03 -0.92
C TYR C 45 -4.02 -24.47 -1.22
N ILE C 46 -5.09 -24.91 -0.54
CA ILE C 46 -5.44 -26.32 -0.54
C ILE C 46 -6.43 -26.61 -1.67
N GLU C 47 -7.48 -25.79 -1.82
CA GLU C 47 -8.52 -26.11 -2.78
C GLU C 47 -9.18 -24.89 -3.41
C1 NAG D . 13.75 15.99 -4.46
C2 NAG D . 14.09 17.05 -5.54
C3 NAG D . 15.60 17.12 -5.71
C4 NAG D . 16.06 17.89 -4.48
C5 NAG D . 15.66 17.14 -3.19
C6 NAG D . 15.45 18.13 -2.04
C7 NAG D . 13.14 15.85 -7.49
C8 NAG D . 12.18 15.95 -8.66
N2 NAG D . 13.32 16.97 -6.78
O3 NAG D . 15.99 17.76 -6.93
O4 NAG D . 17.47 18.22 -4.56
O5 NAG D . 14.45 16.34 -3.23
O6 NAG D . 15.23 17.41 -0.82
O7 NAG D . 13.75 14.83 -7.17
NA NA E . -11.15 -5.92 -9.96
#